data_2EGW
#
_entry.id   2EGW
#
_cell.length_a   112.637
_cell.length_b   38.774
_cell.length_c   115.286
_cell.angle_alpha   90.00
_cell.angle_beta   115.73
_cell.angle_gamma   90.00
#
_symmetry.space_group_name_H-M   'C 1 2 1'
#
loop_
_entity.id
_entity.type
_entity.pdbx_description
1 polymer 'UPF0088 protein aq_165'
2 non-polymer S-ADENOSYL-L-HOMOCYSTEINE
#
_entity_poly.entity_id   1
_entity_poly.type   'polypeptide(L)'
_entity_poly.pdbx_seq_one_letter_code
;MHVFYSEERRGNLLILREGEVKHFRVRRIEKDEEFGVIHEGKIYVCKVRREDKREISCEIVEELETKLPPKDITLYQSVT
VDLKTMDTIVRQATELGVLTFVPIISERSFQKEEAILKKTEKWKRIVIEAMKQSRRPIPMEIKKPVRLSDLIPESEENII
LDNFYEGVKPKDVNLEAKTYSVVVGPEGGFSKRESQILREKGFKSVLLEPYTLRTETAVVSIVSILMNF
;
_entity_poly.pdbx_strand_id   A,B
#
# COMPACT_ATOMS: atom_id res chain seq x y z
N MET A 1 10.93 17.89 10.83
CA MET A 1 12.41 17.90 10.86
C MET A 1 12.95 16.63 10.21
N HIS A 2 14.19 16.70 9.74
CA HIS A 2 14.82 15.53 9.13
C HIS A 2 15.16 14.56 10.26
N VAL A 3 15.34 13.29 9.92
CA VAL A 3 15.69 12.29 10.93
C VAL A 3 16.78 11.36 10.38
N PHE A 4 17.67 10.91 11.27
CA PHE A 4 18.78 10.05 10.90
C PHE A 4 18.96 8.96 11.97
N TYR A 5 19.76 7.94 11.67
CA TYR A 5 19.98 6.88 12.65
C TYR A 5 21.44 6.74 13.02
N SER A 6 21.71 6.84 14.32
CA SER A 6 23.06 6.74 14.84
C SER A 6 23.23 5.51 15.72
N GLU A 7 24.36 4.85 15.59
CA GLU A 7 24.65 3.66 16.38
C GLU A 7 25.82 3.87 17.32
N GLU A 8 25.91 5.07 17.91
CA GLU A 8 26.98 5.38 18.84
C GLU A 8 26.83 6.75 19.50
N ARG A 9 26.83 6.78 20.82
CA ARG A 9 26.70 8.01 21.59
C ARG A 9 27.71 8.12 22.73
N ARG A 10 28.25 9.33 22.88
CA ARG A 10 29.24 9.66 23.91
C ARG A 10 28.67 10.82 24.74
N GLY A 11 28.37 10.55 26.01
CA GLY A 11 27.80 11.58 26.84
C GLY A 11 26.43 12.00 26.35
N ASN A 12 26.37 13.16 25.69
CA ASN A 12 25.12 13.69 25.15
C ASN A 12 25.33 14.04 23.68
N LEU A 13 26.09 13.21 22.98
CA LEU A 13 26.37 13.43 21.57
C LEU A 13 26.12 12.17 20.74
N LEU A 14 25.42 12.33 19.62
CA LEU A 14 25.16 11.21 18.73
C LEU A 14 25.98 11.43 17.48
N ILE A 15 26.57 10.35 16.97
CA ILE A 15 27.40 10.47 15.78
C ILE A 15 26.89 9.70 14.55
N LEU A 16 26.76 10.42 13.45
CA LEU A 16 26.33 9.84 12.18
C LEU A 16 27.55 9.25 11.50
N ARG A 17 27.35 8.28 10.62
CA ARG A 17 28.46 7.65 9.90
C ARG A 17 28.07 7.12 8.53
N GLU A 18 29.04 7.08 7.62
CA GLU A 18 28.83 6.56 6.27
C GLU A 18 27.56 7.09 5.63
N GLY A 19 26.75 6.17 5.11
CA GLY A 19 25.51 6.53 4.46
C GLY A 19 24.83 7.73 5.08
N GLU A 20 24.84 7.80 6.41
CA GLU A 20 24.22 8.90 7.10
C GLU A 20 24.85 10.27 6.81
N VAL A 21 26.18 10.34 6.79
CA VAL A 21 26.84 11.62 6.50
C VAL A 21 26.47 12.10 5.09
N LYS A 22 26.18 11.17 4.19
CA LYS A 22 25.79 11.55 2.84
C LYS A 22 24.38 12.12 2.94
N HIS A 23 23.45 11.33 3.49
CA HIS A 23 22.06 11.73 3.64
C HIS A 23 22.01 13.09 4.32
N PHE A 24 22.71 13.19 5.45
CA PHE A 24 22.75 14.43 6.22
C PHE A 24 23.41 15.56 5.43
N ARG A 25 24.37 15.21 4.58
CA ARG A 25 25.08 16.20 3.78
C ARG A 25 24.17 16.84 2.74
N VAL A 26 23.63 16.03 1.84
CA VAL A 26 22.73 16.55 0.80
C VAL A 26 21.69 17.46 1.45
N ARG A 27 21.34 17.15 2.70
CA ARG A 27 20.41 17.98 3.46
C ARG A 27 21.27 19.15 3.95
N ARG A 28 21.26 20.25 3.20
CA ARG A 28 22.05 21.40 3.60
C ARG A 28 22.02 21.53 5.12
N ILE A 29 20.86 21.91 5.66
CA ILE A 29 20.69 22.04 7.10
C ILE A 29 21.57 23.14 7.70
N GLU A 30 20.98 24.32 7.91
CA GLU A 30 21.70 25.45 8.47
C GLU A 30 22.45 25.01 9.73
N LYS A 31 23.60 25.63 9.98
CA LYS A 31 24.44 25.30 11.12
C LYS A 31 23.66 24.93 12.36
N ASP A 32 22.52 25.57 12.59
CA ASP A 32 21.71 25.22 13.76
C ASP A 32 20.21 25.17 13.51
N GLU A 33 19.79 23.99 13.05
CA GLU A 33 18.39 23.67 12.79
C GLU A 33 18.19 22.36 13.53
N GLU A 34 16.98 22.13 14.04
CA GLU A 34 16.72 20.91 14.79
C GLU A 34 16.19 19.78 13.93
N PHE A 35 16.94 18.67 13.94
CA PHE A 35 16.61 17.47 13.18
C PHE A 35 16.72 16.30 14.14
N GLY A 36 15.94 15.25 13.88
CA GLY A 36 15.95 14.08 14.76
C GLY A 36 17.01 13.03 14.49
N VAL A 37 17.32 12.28 15.53
CA VAL A 37 18.28 11.22 15.43
C VAL A 37 17.91 10.10 16.37
N ILE A 38 17.38 9.02 15.78
CA ILE A 38 16.98 7.88 16.56
C ILE A 38 18.20 7.07 16.94
N HIS A 39 18.37 6.81 18.22
CA HIS A 39 19.50 6.03 18.69
C HIS A 39 19.10 5.09 19.82
N GLU A 40 19.43 3.80 19.63
CA GLU A 40 19.16 2.71 20.56
C GLU A 40 17.88 2.78 21.39
N GLY A 41 16.74 3.02 20.75
CA GLY A 41 15.50 3.06 21.50
C GLY A 41 14.59 4.20 21.14
N LYS A 42 15.02 5.43 21.44
CA LYS A 42 14.20 6.59 21.14
C LYS A 42 14.85 7.41 20.06
N ILE A 43 14.25 8.57 19.83
CA ILE A 43 14.74 9.52 18.86
C ILE A 43 15.12 10.77 19.64
N TYR A 44 16.18 11.44 19.23
CA TYR A 44 16.62 12.63 19.91
C TYR A 44 16.66 13.84 18.99
N VAL A 45 16.06 14.95 19.45
CA VAL A 45 16.08 16.20 18.71
C VAL A 45 17.52 16.68 18.84
N CYS A 46 18.12 17.10 17.72
CA CYS A 46 19.49 17.56 17.78
C CYS A 46 19.81 18.73 16.86
N LYS A 47 20.89 19.42 17.21
CA LYS A 47 21.41 20.54 16.44
C LYS A 47 22.85 20.14 16.15
N VAL A 48 23.36 20.48 14.98
CA VAL A 48 24.74 20.10 14.64
C VAL A 48 25.75 20.64 15.64
N ARG A 49 26.76 19.83 15.94
CA ARG A 49 27.82 20.22 16.87
C ARG A 49 29.09 20.47 16.06
N ARG A 50 29.29 19.63 15.04
CA ARG A 50 30.43 19.71 14.13
C ARG A 50 30.17 18.76 12.96
N GLU A 51 30.41 19.24 11.75
CA GLU A 51 30.18 18.44 10.55
C GLU A 51 31.44 18.16 9.71
N ASP A 52 31.68 16.89 9.40
CA ASP A 52 32.82 16.47 8.60
C ASP A 52 32.37 16.02 7.21
N LYS A 53 33.03 14.97 6.74
CA LYS A 53 32.75 14.41 5.42
C LYS A 53 32.79 12.88 5.54
N ARG A 54 33.20 12.40 6.71
CA ARG A 54 33.28 10.97 6.99
C ARG A 54 32.40 10.64 8.20
N GLU A 55 32.30 11.58 9.13
CA GLU A 55 31.48 11.43 10.34
C GLU A 55 31.00 12.80 10.85
N ILE A 56 29.88 12.80 11.57
CA ILE A 56 29.30 14.03 12.13
C ILE A 56 28.70 13.85 13.53
N SER A 57 28.80 14.89 14.36
CA SER A 57 28.27 14.83 15.72
C SER A 57 27.03 15.71 15.90
N CYS A 58 26.13 15.26 16.77
CA CYS A 58 24.91 15.98 17.03
C CYS A 58 24.73 16.11 18.53
N GLU A 59 24.18 17.21 18.99
CA GLU A 59 24.00 17.37 20.42
C GLU A 59 22.54 17.19 20.80
N ILE A 60 22.30 16.41 21.84
CA ILE A 60 20.94 16.15 22.30
C ILE A 60 20.31 17.34 22.99
N VAL A 61 19.33 17.95 22.35
CA VAL A 61 18.66 19.08 22.93
C VAL A 61 17.40 18.64 23.69
N GLU A 62 16.85 17.48 23.33
CA GLU A 62 15.64 17.01 23.99
C GLU A 62 15.27 15.56 23.70
N GLU A 63 14.80 14.86 24.73
CA GLU A 63 14.39 13.47 24.58
C GLU A 63 13.05 13.52 23.87
N LEU A 64 13.04 13.22 22.57
CA LEU A 64 11.81 13.27 21.81
C LEU A 64 10.85 12.14 22.19
N GLU A 65 9.57 12.48 22.31
CA GLU A 65 8.55 11.49 22.65
C GLU A 65 8.34 10.56 21.46
N THR A 66 8.59 9.28 21.67
CA THR A 66 8.46 8.25 20.63
C THR A 66 7.39 7.22 20.98
N LYS A 67 6.38 7.09 20.12
CA LYS A 67 5.33 6.13 20.38
C LYS A 67 5.72 4.76 19.85
N LEU A 68 5.05 3.74 20.38
CA LEU A 68 5.29 2.37 19.99
C LEU A 68 4.04 1.86 19.30
N PRO A 69 4.11 0.67 18.68
CA PRO A 69 2.93 0.15 17.99
C PRO A 69 1.92 -0.41 18.98
N PRO A 70 0.67 0.03 18.90
CA PRO A 70 -0.33 -0.47 19.85
C PRO A 70 -0.45 -2.01 19.83
N LYS A 71 -0.13 -2.63 18.69
CA LYS A 71 -0.23 -4.09 18.57
C LYS A 71 1.09 -4.70 18.11
N ASP A 72 1.36 -5.90 18.60
CA ASP A 72 2.57 -6.63 18.21
C ASP A 72 2.25 -7.60 17.09
N ILE A 73 2.35 -7.14 15.85
CA ILE A 73 2.05 -8.02 14.72
C ILE A 73 3.31 -8.70 14.18
N THR A 74 3.15 -9.96 13.80
CA THR A 74 4.25 -10.72 13.21
C THR A 74 3.76 -11.10 11.81
N LEU A 75 4.13 -10.32 10.81
CA LEU A 75 3.70 -10.58 9.45
C LEU A 75 4.49 -11.70 8.78
N TYR A 76 3.80 -12.81 8.51
CA TYR A 76 4.39 -13.98 7.86
C TYR A 76 4.12 -13.86 6.36
N GLN A 77 5.09 -13.30 5.64
CA GLN A 77 4.97 -13.07 4.20
C GLN A 77 5.53 -14.16 3.28
N SER A 78 4.71 -14.59 2.33
CA SER A 78 5.16 -15.60 1.38
C SER A 78 6.00 -14.82 0.39
N VAL A 79 7.30 -15.09 0.37
CA VAL A 79 8.22 -14.41 -0.51
C VAL A 79 7.76 -14.34 -1.96
N THR A 80 7.45 -13.14 -2.43
CA THR A 80 7.00 -12.93 -3.80
C THR A 80 8.04 -13.47 -4.77
N VAL A 81 7.58 -13.93 -5.94
CA VAL A 81 8.51 -14.45 -6.95
C VAL A 81 9.42 -13.33 -7.44
N ASP A 82 8.88 -12.11 -7.44
CA ASP A 82 9.59 -10.89 -7.83
C ASP A 82 10.08 -10.25 -6.52
N LEU A 83 11.26 -10.63 -6.07
CA LEU A 83 11.79 -10.11 -4.81
C LEU A 83 11.75 -8.63 -4.56
N LYS A 84 11.74 -7.80 -5.61
CA LYS A 84 11.69 -6.35 -5.40
C LYS A 84 10.40 -5.97 -4.71
N THR A 85 9.33 -6.72 -5.00
CA THR A 85 8.05 -6.49 -4.38
C THR A 85 8.19 -6.62 -2.88
N MET A 86 9.11 -7.49 -2.45
CA MET A 86 9.38 -7.71 -1.04
C MET A 86 10.08 -6.49 -0.45
N ASP A 87 10.70 -5.68 -1.31
CA ASP A 87 11.39 -4.49 -0.81
C ASP A 87 10.34 -3.51 -0.33
N THR A 88 9.24 -3.42 -1.05
CA THR A 88 8.16 -2.53 -0.68
C THR A 88 7.50 -3.03 0.62
N ILE A 89 6.95 -4.25 0.57
CA ILE A 89 6.29 -4.85 1.70
C ILE A 89 7.10 -4.77 2.99
N VAL A 90 8.42 -4.71 2.88
CA VAL A 90 9.26 -4.61 4.08
C VAL A 90 9.33 -3.15 4.56
N ARG A 91 9.59 -2.23 3.64
CA ARG A 91 9.64 -0.83 4.03
C ARG A 91 8.31 -0.51 4.70
N GLN A 92 7.22 -0.76 3.98
CA GLN A 92 5.87 -0.54 4.46
C GLN A 92 5.48 -1.25 5.75
N ALA A 93 5.79 -2.53 5.88
CA ALA A 93 5.44 -3.21 7.12
C ALA A 93 6.03 -2.34 8.21
N THR A 94 7.22 -1.82 7.96
CA THR A 94 7.94 -0.97 8.92
C THR A 94 7.23 0.33 9.28
N GLU A 95 6.87 1.15 8.30
CA GLU A 95 6.20 2.39 8.63
C GLU A 95 4.89 2.13 9.36
N LEU A 96 4.19 1.06 8.97
CA LEU A 96 2.92 0.70 9.58
C LEU A 96 3.04 0.27 11.05
N GLY A 97 4.23 -0.13 11.47
CA GLY A 97 4.42 -0.53 12.85
C GLY A 97 4.48 -2.02 13.14
N VAL A 98 4.83 -2.83 12.14
CA VAL A 98 4.91 -4.27 12.35
C VAL A 98 6.13 -4.62 13.17
N LEU A 99 5.94 -5.30 14.29
CA LEU A 99 7.07 -5.69 15.13
C LEU A 99 7.95 -6.79 14.51
N THR A 100 7.35 -7.77 13.83
CA THR A 100 8.12 -8.87 13.24
C THR A 100 7.79 -9.26 11.81
N PHE A 101 8.83 -9.53 11.03
CA PHE A 101 8.66 -9.90 9.64
C PHE A 101 9.32 -11.26 9.38
N VAL A 102 8.52 -12.24 9.00
CA VAL A 102 8.99 -13.59 8.74
C VAL A 102 8.71 -14.06 7.31
N PRO A 103 9.76 -14.27 6.51
CA PRO A 103 9.53 -14.73 5.14
C PRO A 103 9.11 -16.22 5.19
N ILE A 104 8.15 -16.57 4.33
CA ILE A 104 7.60 -17.91 4.29
C ILE A 104 7.82 -18.51 2.92
N ILE A 105 8.06 -19.82 2.86
CA ILE A 105 8.18 -20.49 1.56
C ILE A 105 6.90 -21.31 1.34
N SER A 106 6.16 -20.97 0.29
CA SER A 106 4.91 -21.66 0.01
C SER A 106 4.99 -22.30 -1.36
N GLU A 107 3.98 -23.09 -1.71
CA GLU A 107 3.97 -23.78 -3.00
C GLU A 107 4.29 -22.83 -4.16
N ARG A 108 3.78 -21.60 -4.09
CA ARG A 108 3.97 -20.63 -5.17
C ARG A 108 4.87 -19.44 -4.90
N SER A 109 5.57 -19.44 -3.78
CA SER A 109 6.45 -18.33 -3.45
C SER A 109 7.84 -18.54 -4.04
N PHE A 110 8.69 -17.54 -3.91
CA PHE A 110 10.05 -17.65 -4.39
C PHE A 110 10.50 -18.91 -3.66
N GLN A 111 11.27 -19.78 -4.32
CA GLN A 111 11.68 -21.03 -3.68
C GLN A 111 13.06 -21.09 -3.02
N LYS A 112 14.06 -20.47 -3.67
CA LYS A 112 15.42 -20.46 -3.15
C LYS A 112 15.55 -19.82 -1.76
N GLU A 113 16.19 -20.53 -0.84
CA GLU A 113 16.37 -20.01 0.51
C GLU A 113 17.57 -19.09 0.62
N GLU A 114 18.73 -19.52 0.12
CA GLU A 114 19.92 -18.69 0.24
C GLU A 114 19.68 -17.27 -0.30
N ALA A 115 18.98 -17.17 -1.42
CA ALA A 115 18.70 -15.87 -2.02
C ALA A 115 17.88 -15.03 -1.06
N ILE A 116 17.04 -15.69 -0.28
CA ILE A 116 16.19 -15.02 0.69
C ILE A 116 17.03 -14.56 1.87
N LEU A 117 17.96 -15.43 2.29
CA LEU A 117 18.85 -15.11 3.39
C LEU A 117 19.76 -13.95 3.01
N LYS A 118 20.29 -13.98 1.80
CA LYS A 118 21.18 -12.93 1.35
C LYS A 118 20.43 -11.61 1.16
N LYS A 119 19.14 -11.71 0.95
CA LYS A 119 18.34 -10.51 0.76
C LYS A 119 18.08 -9.81 2.09
N THR A 120 18.37 -10.49 3.20
CA THR A 120 18.15 -9.91 4.52
C THR A 120 18.88 -8.58 4.71
N GLU A 121 20.19 -8.59 4.49
CA GLU A 121 21.00 -7.39 4.66
C GLU A 121 20.31 -6.19 4.06
N LYS A 122 19.66 -6.38 2.91
CA LYS A 122 18.98 -5.28 2.26
C LYS A 122 17.62 -5.06 2.91
N TRP A 123 17.00 -6.13 3.39
CA TRP A 123 15.71 -6.01 4.06
C TRP A 123 15.95 -5.06 5.22
N LYS A 124 17.02 -5.32 5.96
CA LYS A 124 17.41 -4.55 7.13
C LYS A 124 17.68 -3.06 6.88
N ARG A 125 18.54 -2.74 5.93
CA ARG A 125 18.84 -1.33 5.63
C ARG A 125 17.59 -0.56 5.25
N ILE A 126 16.69 -1.23 4.53
CA ILE A 126 15.44 -0.60 4.12
C ILE A 126 14.62 -0.27 5.36
N VAL A 127 14.65 -1.16 6.34
CA VAL A 127 13.92 -0.90 7.58
C VAL A 127 14.44 0.43 8.13
N ILE A 128 15.75 0.53 8.29
CA ILE A 128 16.39 1.76 8.79
C ILE A 128 15.88 3.01 8.03
N GLU A 129 15.97 2.99 6.72
CA GLU A 129 15.51 4.10 5.90
C GLU A 129 14.08 4.44 6.25
N ALA A 130 13.30 3.39 6.53
CA ALA A 130 11.88 3.54 6.87
C ALA A 130 11.63 4.07 8.27
N MET A 131 12.39 3.61 9.26
CA MET A 131 12.17 4.12 10.61
C MET A 131 12.67 5.56 10.73
N LYS A 132 13.28 6.09 9.67
CA LYS A 132 13.74 7.47 9.69
C LYS A 132 12.63 8.42 9.21
N GLN A 133 12.02 8.08 8.09
CA GLN A 133 10.96 8.92 7.57
C GLN A 133 9.73 8.66 8.40
N SER A 134 9.53 7.40 8.78
CA SER A 134 8.39 7.01 9.58
C SER A 134 8.56 7.52 11.00
N ARG A 135 9.81 7.77 11.38
CA ARG A 135 10.12 8.24 12.72
C ARG A 135 9.72 7.13 13.66
N ARG A 136 10.13 5.93 13.30
CA ARG A 136 9.85 4.77 14.10
C ARG A 136 11.11 4.56 14.95
N PRO A 137 10.95 4.70 16.28
CA PRO A 137 12.00 4.57 17.30
C PRO A 137 12.71 3.22 17.34
N ILE A 138 11.93 2.14 17.24
CA ILE A 138 12.47 0.78 17.27
C ILE A 138 12.42 0.09 15.90
N PRO A 139 13.26 -0.94 15.68
CA PRO A 139 13.26 -1.61 14.38
C PRO A 139 12.23 -2.73 14.18
N MET A 140 12.14 -3.23 12.94
CA MET A 140 11.28 -4.38 12.65
C MET A 140 12.24 -5.55 12.52
N GLU A 141 12.07 -6.57 13.32
CA GLU A 141 12.95 -7.72 13.23
C GLU A 141 12.57 -8.59 12.02
N ILE A 142 13.57 -8.87 11.18
CA ILE A 142 13.41 -9.70 9.99
C ILE A 142 14.00 -11.06 10.37
N LYS A 143 13.25 -12.13 10.19
CA LYS A 143 13.77 -13.43 10.58
C LYS A 143 14.13 -14.40 9.47
N LYS A 144 14.77 -15.51 9.85
CA LYS A 144 15.14 -16.57 8.90
C LYS A 144 13.85 -17.13 8.32
N PRO A 145 13.87 -17.46 7.03
CA PRO A 145 12.64 -17.99 6.42
C PRO A 145 12.16 -19.29 7.05
N VAL A 146 10.84 -19.45 7.11
CA VAL A 146 10.24 -20.67 7.63
C VAL A 146 9.24 -21.17 6.57
N ARG A 147 9.09 -22.49 6.50
CA ARG A 147 8.19 -23.13 5.55
C ARG A 147 6.74 -22.92 5.98
N LEU A 148 5.88 -22.69 5.00
CA LEU A 148 4.48 -22.47 5.30
C LEU A 148 3.86 -23.70 5.95
N SER A 149 4.40 -24.87 5.62
CA SER A 149 3.89 -26.11 6.19
C SER A 149 4.24 -26.24 7.67
N ASP A 150 5.10 -25.35 8.17
CA ASP A 150 5.50 -25.41 9.57
C ASP A 150 4.84 -24.37 10.45
N LEU A 151 4.02 -23.49 9.88
CA LEU A 151 3.40 -22.48 10.71
C LEU A 151 2.39 -23.04 11.69
N ILE A 152 2.36 -22.43 12.88
CA ILE A 152 1.44 -22.80 13.93
C ILE A 152 0.87 -21.48 14.44
N PRO A 153 -0.44 -21.44 14.72
CA PRO A 153 -0.99 -20.17 15.22
C PRO A 153 -0.50 -20.02 16.65
N GLU A 154 0.12 -18.88 16.95
CA GLU A 154 0.65 -18.65 18.29
C GLU A 154 0.28 -17.31 18.92
N SER A 155 -0.16 -16.36 18.11
CA SER A 155 -0.53 -15.04 18.65
C SER A 155 -1.92 -15.09 19.33
N GLU A 156 -2.30 -14.00 19.97
CA GLU A 156 -3.60 -13.95 20.63
C GLU A 156 -4.64 -14.28 19.59
N GLU A 157 -4.44 -13.73 18.39
CA GLU A 157 -5.34 -13.95 17.27
C GLU A 157 -4.46 -14.27 16.06
N ASN A 158 -4.93 -15.16 15.19
CA ASN A 158 -4.15 -15.56 14.03
C ASN A 158 -4.97 -15.53 12.75
N ILE A 159 -4.47 -14.77 11.77
CA ILE A 159 -5.15 -14.58 10.49
C ILE A 159 -4.39 -15.07 9.26
N ILE A 160 -5.14 -15.46 8.24
CA ILE A 160 -4.55 -15.89 6.99
C ILE A 160 -5.33 -15.12 5.94
N LEU A 161 -4.66 -14.28 5.19
CA LEU A 161 -5.37 -13.55 4.17
C LEU A 161 -5.54 -14.42 2.97
N ASP A 162 -6.81 -14.63 2.59
CA ASP A 162 -7.10 -15.46 1.44
C ASP A 162 -8.23 -14.88 0.62
N ASN A 163 -7.99 -14.73 -0.69
CA ASN A 163 -8.99 -14.19 -1.58
C ASN A 163 -9.82 -15.33 -2.14
N PHE A 164 -9.26 -16.53 -2.14
CA PHE A 164 -9.93 -17.71 -2.68
C PHE A 164 -11.03 -18.28 -1.77
N TYR A 165 -10.86 -18.15 -0.47
CA TYR A 165 -11.83 -18.67 0.48
C TYR A 165 -12.87 -17.62 0.88
N GLU A 166 -14.10 -18.06 1.12
CA GLU A 166 -15.14 -17.13 1.53
C GLU A 166 -15.04 -16.96 3.05
N GLY A 167 -14.00 -16.24 3.48
CA GLY A 167 -13.78 -16.02 4.90
C GLY A 167 -14.55 -14.88 5.54
N VAL A 168 -14.12 -14.52 6.74
CA VAL A 168 -14.78 -13.44 7.48
C VAL A 168 -14.10 -12.10 7.20
N LYS A 169 -14.79 -11.02 7.55
CA LYS A 169 -14.21 -9.70 7.36
C LYS A 169 -13.28 -9.50 8.54
N PRO A 170 -12.45 -8.45 8.51
CA PRO A 170 -11.55 -8.26 9.66
C PRO A 170 -12.38 -7.99 10.92
N LYS A 171 -13.40 -7.16 10.78
CA LYS A 171 -14.30 -6.82 11.87
C LYS A 171 -14.68 -8.06 12.69
N ASP A 172 -14.92 -9.16 12.00
CA ASP A 172 -15.33 -10.42 12.63
C ASP A 172 -14.24 -11.12 13.46
N VAL A 173 -13.00 -10.77 13.20
CA VAL A 173 -11.86 -11.35 13.93
C VAL A 173 -11.68 -10.58 15.25
N ASN A 174 -10.94 -11.12 16.19
CA ASN A 174 -10.75 -10.39 17.45
C ASN A 174 -9.77 -9.22 17.36
N LEU A 175 -10.28 -8.08 16.90
CA LEU A 175 -9.52 -6.86 16.74
C LEU A 175 -9.06 -6.28 18.07
N GLU A 176 -9.42 -6.93 19.18
CA GLU A 176 -9.04 -6.47 20.51
C GLU A 176 -7.85 -7.25 21.05
N ALA A 177 -7.19 -7.99 20.18
CA ALA A 177 -6.03 -8.79 20.56
C ALA A 177 -4.82 -7.86 20.67
N LYS A 178 -3.80 -8.29 21.41
CA LYS A 178 -2.61 -7.48 21.56
C LYS A 178 -1.47 -7.98 20.69
N THR A 179 -1.52 -9.26 20.33
CA THR A 179 -0.49 -9.82 19.46
C THR A 179 -1.23 -10.53 18.36
N TYR A 180 -0.67 -10.45 17.15
CA TYR A 180 -1.28 -11.05 15.97
C TYR A 180 -0.28 -11.77 15.08
N SER A 181 -0.78 -12.78 14.38
CA SER A 181 0.00 -13.54 13.41
C SER A 181 -0.81 -13.32 12.13
N VAL A 182 -0.14 -12.89 11.07
CA VAL A 182 -0.83 -12.62 9.84
C VAL A 182 -0.07 -13.24 8.67
N VAL A 183 -0.71 -14.19 7.99
CA VAL A 183 -0.09 -14.87 6.87
C VAL A 183 -0.64 -14.43 5.53
N VAL A 184 0.23 -13.86 4.70
CA VAL A 184 -0.18 -13.35 3.40
C VAL A 184 0.51 -14.18 2.32
N GLY A 185 -0.21 -14.50 1.24
CA GLY A 185 0.40 -15.30 0.19
C GLY A 185 1.10 -14.54 -0.92
N PRO A 186 1.83 -15.24 -1.81
CA PRO A 186 2.56 -14.62 -2.92
C PRO A 186 1.64 -14.25 -4.11
N GLU A 187 2.25 -13.75 -5.18
CA GLU A 187 1.51 -13.33 -6.37
C GLU A 187 0.52 -14.41 -6.79
N GLY A 188 1.01 -15.64 -6.87
CA GLY A 188 0.19 -16.77 -7.26
C GLY A 188 -0.89 -17.15 -6.26
N GLY A 189 -0.73 -16.77 -5.00
CA GLY A 189 -1.73 -17.09 -3.99
C GLY A 189 -1.47 -18.40 -3.27
N PHE A 190 -2.42 -18.78 -2.43
CA PHE A 190 -2.34 -20.02 -1.66
C PHE A 190 -3.11 -21.13 -2.37
N SER A 191 -2.54 -22.34 -2.37
CA SER A 191 -3.20 -23.47 -3.00
C SER A 191 -4.36 -23.86 -2.08
N LYS A 192 -5.47 -24.29 -2.68
CA LYS A 192 -6.66 -24.70 -1.94
C LYS A 192 -6.23 -25.66 -0.86
N ARG A 193 -5.24 -26.47 -1.19
CA ARG A 193 -4.68 -27.45 -0.28
C ARG A 193 -3.96 -26.84 0.91
N GLU A 194 -2.91 -26.06 0.67
CA GLU A 194 -2.14 -25.50 1.78
C GLU A 194 -2.89 -24.56 2.70
N SER A 195 -3.92 -23.87 2.21
CA SER A 195 -4.67 -22.97 3.08
C SER A 195 -5.65 -23.77 3.93
N GLN A 196 -6.01 -24.97 3.48
CA GLN A 196 -6.91 -25.80 4.26
C GLN A 196 -6.11 -26.25 5.49
N ILE A 197 -4.83 -26.57 5.28
CA ILE A 197 -4.01 -26.97 6.40
C ILE A 197 -4.03 -25.86 7.45
N LEU A 198 -3.93 -24.63 6.97
CA LEU A 198 -3.89 -23.47 7.83
C LEU A 198 -5.18 -23.20 8.61
N ARG A 199 -6.31 -23.15 7.93
CA ARG A 199 -7.55 -22.91 8.65
C ARG A 199 -7.75 -24.01 9.69
N GLU A 200 -7.30 -25.21 9.35
CA GLU A 200 -7.41 -26.34 10.25
C GLU A 200 -6.55 -26.15 11.49
N LYS A 201 -5.34 -25.65 11.29
CA LYS A 201 -4.45 -25.42 12.43
C LYS A 201 -5.03 -24.34 13.33
N GLY A 202 -5.95 -23.56 12.79
CA GLY A 202 -6.56 -22.51 13.57
C GLY A 202 -6.54 -21.12 12.96
N PHE A 203 -5.61 -20.86 12.06
CA PHE A 203 -5.54 -19.54 11.45
C PHE A 203 -6.88 -19.18 10.88
N LYS A 204 -7.45 -18.09 11.40
CA LYS A 204 -8.75 -17.61 10.95
C LYS A 204 -8.55 -16.97 9.58
N SER A 205 -9.39 -17.34 8.61
CA SER A 205 -9.27 -16.79 7.25
C SER A 205 -10.10 -15.56 6.99
N VAL A 206 -9.42 -14.48 6.60
CA VAL A 206 -10.07 -13.22 6.31
C VAL A 206 -10.17 -12.95 4.82
N LEU A 207 -11.30 -12.41 4.39
CA LEU A 207 -11.53 -12.06 2.98
C LEU A 207 -11.70 -10.54 2.87
N LEU A 208 -10.76 -9.86 2.22
CA LEU A 208 -10.84 -8.40 2.06
C LEU A 208 -11.78 -8.04 0.93
N GLU A 209 -12.31 -6.82 0.94
CA GLU A 209 -13.28 -6.38 -0.06
C GLU A 209 -12.81 -5.12 -0.78
N PRO A 210 -13.27 -4.91 -2.03
CA PRO A 210 -14.20 -5.75 -2.79
C PRO A 210 -13.56 -6.42 -3.99
N TYR A 211 -12.24 -6.59 -3.99
CA TYR A 211 -11.58 -7.22 -5.12
C TYR A 211 -10.33 -7.93 -4.68
N THR A 212 -9.64 -8.49 -5.66
CA THR A 212 -8.40 -9.19 -5.43
C THR A 212 -7.34 -8.12 -5.45
N LEU A 213 -6.48 -8.11 -4.44
CA LEU A 213 -5.42 -7.11 -4.36
C LEU A 213 -4.10 -7.79 -4.60
N ARG A 214 -3.09 -7.03 -5.01
CA ARG A 214 -1.78 -7.62 -5.19
C ARG A 214 -1.42 -7.93 -3.75
N THR A 215 -0.47 -8.83 -3.54
CA THR A 215 -0.12 -9.17 -2.19
C THR A 215 0.23 -7.97 -1.30
N GLU A 216 1.05 -7.03 -1.79
CA GLU A 216 1.43 -5.85 -0.99
C GLU A 216 0.30 -4.89 -0.67
N THR A 217 -0.64 -4.70 -1.58
CA THR A 217 -1.71 -3.78 -1.22
C THR A 217 -2.65 -4.47 -0.22
N ALA A 218 -2.53 -5.79 -0.12
CA ALA A 218 -3.33 -6.53 0.82
C ALA A 218 -2.67 -6.39 2.20
N VAL A 219 -1.34 -6.50 2.24
CA VAL A 219 -0.62 -6.39 3.52
C VAL A 219 -0.94 -5.11 4.29
N VAL A 220 -0.75 -3.95 3.64
CA VAL A 220 -1.03 -2.67 4.27
C VAL A 220 -2.51 -2.61 4.59
N SER A 221 -3.30 -3.16 3.67
CA SER A 221 -4.74 -3.21 3.79
C SER A 221 -5.14 -3.71 5.16
N ILE A 222 -4.71 -4.92 5.51
CA ILE A 222 -5.07 -5.46 6.80
C ILE A 222 -4.31 -4.89 7.99
N VAL A 223 -2.99 -4.75 7.85
CA VAL A 223 -2.16 -4.20 8.93
C VAL A 223 -2.73 -2.86 9.37
N SER A 224 -3.12 -2.07 8.39
CA SER A 224 -3.73 -0.78 8.62
C SER A 224 -4.92 -1.03 9.56
N ILE A 225 -5.80 -1.95 9.16
CA ILE A 225 -6.99 -2.29 9.95
C ILE A 225 -6.64 -2.82 11.35
N LEU A 226 -5.64 -3.68 11.45
CA LEU A 226 -5.28 -4.26 12.75
C LEU A 226 -4.51 -3.35 13.68
N MET A 227 -3.98 -2.25 13.16
CA MET A 227 -3.18 -1.35 13.98
C MET A 227 -3.99 -0.15 14.37
N ASN A 228 -4.93 0.24 13.51
CA ASN A 228 -5.75 1.40 13.78
C ASN A 228 -7.01 1.07 14.54
N PHE A 229 -7.12 -0.18 14.98
CA PHE A 229 -8.27 -0.63 15.74
C PHE A 229 -7.84 -1.46 16.96
N MET B 1 -9.35 -17.34 -13.22
CA MET B 1 -8.97 -17.44 -14.66
C MET B 1 -8.26 -16.19 -15.11
N HIS B 2 -7.98 -16.12 -16.40
CA HIS B 2 -7.31 -14.96 -16.97
C HIS B 2 -8.36 -13.96 -17.40
N VAL B 3 -8.16 -12.69 -17.02
CA VAL B 3 -9.08 -11.64 -17.41
C VAL B 3 -8.34 -10.72 -18.35
N PHE B 4 -9.00 -10.39 -19.45
CA PHE B 4 -8.44 -9.53 -20.48
C PHE B 4 -9.39 -8.34 -20.63
N TYR B 5 -9.02 -7.38 -21.47
CA TYR B 5 -9.83 -6.19 -21.65
C TYR B 5 -10.30 -6.01 -23.09
N SER B 6 -11.51 -5.50 -23.28
CA SER B 6 -12.00 -5.32 -24.64
C SER B 6 -12.90 -4.13 -24.85
N GLU B 7 -12.65 -3.45 -25.97
CA GLU B 7 -13.39 -2.27 -26.43
C GLU B 7 -13.82 -2.53 -27.86
N GLU B 8 -14.17 -3.79 -28.15
CA GLU B 8 -14.59 -4.19 -29.48
C GLU B 8 -15.39 -5.48 -29.39
N ARG B 9 -16.70 -5.38 -29.58
CA ARG B 9 -17.58 -6.53 -29.51
C ARG B 9 -18.38 -6.72 -30.78
N ARG B 10 -17.84 -7.44 -31.75
CA ARG B 10 -18.61 -7.68 -32.96
C ARG B 10 -19.43 -8.94 -32.79
N GLY B 11 -20.70 -8.75 -32.42
CA GLY B 11 -21.60 -9.86 -32.20
C GLY B 11 -21.44 -10.37 -30.79
N ASN B 12 -21.49 -11.69 -30.61
CA ASN B 12 -21.32 -12.25 -29.29
C ASN B 12 -19.85 -12.60 -29.12
N LEU B 13 -19.04 -11.93 -29.93
CA LEU B 13 -17.60 -12.11 -29.91
C LEU B 13 -16.92 -10.84 -29.44
N LEU B 14 -16.16 -10.95 -28.36
CA LEU B 14 -15.44 -9.81 -27.80
C LEU B 14 -14.02 -9.88 -28.36
N ILE B 15 -13.69 -8.90 -29.19
CA ILE B 15 -12.35 -8.84 -29.80
C ILE B 15 -11.31 -8.14 -28.92
N LEU B 16 -10.08 -8.62 -28.98
CA LEU B 16 -8.97 -8.07 -28.22
C LEU B 16 -7.97 -7.46 -29.21
N ARG B 17 -7.17 -6.49 -28.76
CA ARG B 17 -6.21 -5.85 -29.63
C ARG B 17 -4.89 -5.45 -28.95
N GLU B 18 -3.98 -4.90 -29.76
CA GLU B 18 -2.68 -4.44 -29.32
C GLU B 18 -2.01 -5.29 -28.25
N GLY B 19 -1.68 -4.67 -27.12
CA GLY B 19 -1.04 -5.39 -26.04
C GLY B 19 -1.87 -6.54 -25.49
N GLU B 20 -3.19 -6.43 -25.60
CA GLU B 20 -4.09 -7.48 -25.10
C GLU B 20 -3.98 -8.78 -25.88
N VAL B 21 -3.29 -8.73 -27.01
CA VAL B 21 -3.11 -9.93 -27.82
C VAL B 21 -1.74 -10.55 -27.49
N LYS B 22 -0.77 -9.69 -27.22
CA LYS B 22 0.57 -10.15 -26.88
C LYS B 22 0.50 -10.87 -25.55
N HIS B 23 -0.45 -10.47 -24.70
CA HIS B 23 -0.62 -11.10 -23.40
C HIS B 23 -1.31 -12.46 -23.57
N PHE B 24 -2.31 -12.50 -24.44
CA PHE B 24 -3.07 -13.72 -24.71
C PHE B 24 -2.15 -14.85 -25.17
N ARG B 25 -1.38 -14.62 -26.22
CA ARG B 25 -0.47 -15.64 -26.73
C ARG B 25 0.65 -15.93 -25.74
N VAL B 26 1.14 -14.89 -25.06
CA VAL B 26 2.20 -15.07 -24.07
C VAL B 26 1.63 -15.92 -22.94
N ARG B 27 0.34 -16.17 -23.00
CA ARG B 27 -0.33 -16.98 -21.99
C ARG B 27 -0.70 -18.36 -22.53
N ARG B 28 -0.26 -18.63 -23.76
CA ARG B 28 -0.54 -19.92 -24.40
C ARG B 28 -1.82 -20.54 -23.85
N ILE B 29 -2.95 -19.89 -24.09
CA ILE B 29 -4.21 -20.42 -23.61
C ILE B 29 -4.55 -21.63 -24.48
N GLU B 30 -4.85 -22.75 -23.83
CA GLU B 30 -5.21 -23.97 -24.55
C GLU B 30 -6.67 -23.85 -24.99
N LYS B 31 -6.94 -24.32 -26.20
CA LYS B 31 -8.29 -24.26 -26.75
C LYS B 31 -9.32 -24.78 -25.77
N ASP B 32 -10.48 -24.12 -25.75
CA ASP B 32 -11.60 -24.50 -24.89
C ASP B 32 -11.31 -24.19 -23.42
N GLU B 33 -10.17 -23.55 -23.15
CA GLU B 33 -9.82 -23.17 -21.79
C GLU B 33 -10.73 -22.00 -21.47
N GLU B 34 -11.03 -21.80 -20.19
CA GLU B 34 -11.93 -20.73 -19.82
C GLU B 34 -11.22 -19.50 -19.25
N PHE B 35 -11.59 -18.33 -19.77
CA PHE B 35 -11.01 -17.06 -19.34
C PHE B 35 -12.07 -15.95 -19.39
N GLY B 36 -11.74 -14.80 -18.82
CA GLY B 36 -12.70 -13.72 -18.82
C GLY B 36 -12.22 -12.48 -19.56
N VAL B 37 -13.17 -11.69 -20.05
CA VAL B 37 -12.86 -10.47 -20.77
C VAL B 37 -13.77 -9.39 -20.24
N ILE B 38 -13.20 -8.27 -19.85
CA ILE B 38 -14.00 -7.18 -19.35
C ILE B 38 -14.44 -6.32 -20.53
N HIS B 39 -15.71 -5.98 -20.56
CA HIS B 39 -16.26 -5.15 -21.63
C HIS B 39 -17.43 -4.38 -21.06
N GLU B 40 -17.56 -3.15 -21.50
CA GLU B 40 -18.62 -2.23 -21.10
C GLU B 40 -19.30 -2.41 -19.74
N GLY B 41 -18.51 -2.42 -18.67
CA GLY B 41 -19.07 -2.53 -17.33
C GLY B 41 -19.20 -3.90 -16.70
N LYS B 42 -18.83 -4.94 -17.41
CA LYS B 42 -18.95 -6.28 -16.86
C LYS B 42 -18.00 -7.25 -17.53
N ILE B 43 -17.77 -8.37 -16.86
CA ILE B 43 -16.91 -9.41 -17.37
C ILE B 43 -17.71 -10.58 -17.88
N TYR B 44 -17.32 -11.07 -19.04
CA TYR B 44 -17.99 -12.20 -19.63
C TYR B 44 -17.00 -13.34 -19.60
N VAL B 45 -17.45 -14.56 -19.33
CA VAL B 45 -16.54 -15.69 -19.34
C VAL B 45 -16.54 -16.13 -20.79
N CYS B 46 -15.35 -16.25 -21.38
CA CYS B 46 -15.24 -16.59 -22.78
C CYS B 46 -14.27 -17.71 -23.09
N LYS B 47 -14.53 -18.38 -24.22
CA LYS B 47 -13.67 -19.44 -24.72
C LYS B 47 -13.18 -18.82 -26.04
N VAL B 48 -11.90 -18.99 -26.33
CA VAL B 48 -11.29 -18.42 -27.53
C VAL B 48 -11.91 -18.80 -28.88
N ARG B 49 -12.52 -17.82 -29.55
CA ARG B 49 -13.11 -18.09 -30.84
C ARG B 49 -11.95 -18.49 -31.74
N ARG B 50 -10.88 -17.70 -31.71
CA ARG B 50 -9.67 -17.98 -32.50
C ARG B 50 -8.68 -16.82 -32.38
N GLU B 51 -7.42 -17.10 -32.07
CA GLU B 51 -6.45 -16.04 -31.97
C GLU B 51 -5.80 -15.73 -33.31
N ASP B 52 -6.29 -14.67 -33.90
CA ASP B 52 -5.84 -14.18 -35.19
C ASP B 52 -4.43 -13.63 -35.09
N LYS B 53 -3.80 -13.42 -36.25
CA LYS B 53 -2.44 -12.89 -36.30
C LYS B 53 -2.37 -11.53 -35.60
N ARG B 54 -3.44 -10.75 -35.74
CA ARG B 54 -3.54 -9.44 -35.09
C ARG B 54 -4.59 -9.52 -33.99
N GLU B 55 -5.86 -9.36 -34.34
CA GLU B 55 -6.93 -9.44 -33.35
C GLU B 55 -6.92 -10.81 -32.69
N ILE B 56 -7.95 -11.07 -31.88
CA ILE B 56 -8.09 -12.33 -31.17
C ILE B 56 -9.53 -12.35 -30.69
N SER B 57 -10.36 -13.10 -31.42
CA SER B 57 -11.78 -13.23 -31.12
C SER B 57 -12.05 -14.12 -29.91
N CYS B 58 -13.04 -13.75 -29.11
CA CYS B 58 -13.37 -14.51 -27.91
C CYS B 58 -14.86 -14.75 -27.87
N GLU B 59 -15.26 -16.02 -27.83
CA GLU B 59 -16.68 -16.34 -27.81
C GLU B 59 -17.24 -16.27 -26.38
N ILE B 60 -18.34 -15.53 -26.22
CA ILE B 60 -18.98 -15.34 -24.91
C ILE B 60 -19.78 -16.57 -24.48
N VAL B 61 -19.56 -17.03 -23.25
CA VAL B 61 -20.29 -18.19 -22.76
C VAL B 61 -21.31 -17.81 -21.69
N GLU B 62 -20.99 -16.82 -20.88
CA GLU B 62 -21.92 -16.38 -19.84
C GLU B 62 -21.53 -15.04 -19.22
N GLU B 63 -22.54 -14.18 -19.06
CA GLU B 63 -22.37 -12.84 -18.50
C GLU B 63 -22.30 -12.88 -16.98
N LEU B 64 -21.12 -12.63 -16.44
CA LEU B 64 -20.93 -12.64 -14.99
C LEU B 64 -21.39 -11.39 -14.29
N GLU B 65 -21.93 -11.60 -13.09
CA GLU B 65 -22.43 -10.51 -12.26
C GLU B 65 -21.25 -9.67 -11.81
N THR B 66 -21.47 -8.36 -11.76
CA THR B 66 -20.42 -7.45 -11.33
C THR B 66 -20.64 -7.10 -9.86
N LYS B 67 -19.57 -7.18 -9.07
CA LYS B 67 -19.64 -6.86 -7.64
C LYS B 67 -19.17 -5.43 -7.41
N LEU B 68 -20.11 -4.51 -7.18
CA LEU B 68 -19.73 -3.12 -6.96
C LEU B 68 -19.27 -2.81 -5.55
N PRO B 69 -18.32 -1.87 -5.42
CA PRO B 69 -17.75 -1.42 -4.15
C PRO B 69 -18.80 -1.09 -3.11
N PRO B 70 -18.59 -1.55 -1.88
CA PRO B 70 -19.55 -1.27 -0.81
C PRO B 70 -19.67 0.21 -0.50
N LYS B 71 -18.64 0.98 -0.87
CA LYS B 71 -18.62 2.42 -0.61
C LYS B 71 -18.28 3.18 -1.88
N ASP B 72 -18.60 4.46 -1.91
CA ASP B 72 -18.32 5.32 -3.05
C ASP B 72 -17.21 6.29 -2.69
N ILE B 73 -15.96 5.95 -3.01
CA ILE B 73 -14.86 6.84 -2.68
C ILE B 73 -14.35 7.69 -3.83
N THR B 74 -14.08 8.96 -3.54
CA THR B 74 -13.49 9.86 -4.52
C THR B 74 -12.15 10.27 -3.94
N LEU B 75 -11.07 9.82 -4.57
CA LEU B 75 -9.73 10.11 -4.09
C LEU B 75 -9.17 11.42 -4.63
N TYR B 76 -8.67 12.26 -3.72
CA TYR B 76 -8.04 13.54 -4.07
C TYR B 76 -6.59 13.34 -3.66
N GLN B 77 -5.77 13.02 -4.64
CA GLN B 77 -4.37 12.77 -4.37
C GLN B 77 -3.51 13.93 -4.81
N SER B 78 -2.73 14.47 -3.88
CA SER B 78 -1.82 15.55 -4.24
C SER B 78 -0.78 14.85 -5.08
N VAL B 79 -0.60 15.33 -6.29
CA VAL B 79 0.39 14.71 -7.15
C VAL B 79 1.75 14.74 -6.48
N THR B 80 2.37 13.57 -6.37
CA THR B 80 3.69 13.45 -5.76
C THR B 80 4.75 14.00 -6.70
N VAL B 81 5.75 14.68 -6.14
CA VAL B 81 6.81 15.26 -6.95
C VAL B 81 7.45 14.16 -7.79
N ASP B 82 7.60 13.00 -7.16
CA ASP B 82 8.13 11.84 -7.83
C ASP B 82 6.87 11.24 -8.50
N LEU B 83 6.63 11.63 -9.75
CA LEU B 83 5.46 11.15 -10.49
C LEU B 83 5.37 9.64 -10.71
N LYS B 84 6.49 8.93 -10.63
CA LYS B 84 6.40 7.50 -10.83
C LYS B 84 5.61 6.94 -9.67
N THR B 85 5.53 7.70 -8.58
CA THR B 85 4.78 7.22 -7.42
C THR B 85 3.26 7.14 -7.72
N MET B 86 2.78 8.11 -8.47
CA MET B 86 1.37 8.14 -8.83
C MET B 86 1.00 6.88 -9.62
N ASP B 87 2.01 6.20 -10.17
CA ASP B 87 1.75 4.99 -10.92
C ASP B 87 1.15 3.96 -9.97
N THR B 88 1.82 3.73 -8.86
CA THR B 88 1.32 2.77 -7.91
C THR B 88 0.07 3.24 -7.14
N ILE B 89 -0.07 4.54 -6.91
CA ILE B 89 -1.21 5.05 -6.16
C ILE B 89 -2.49 4.95 -6.99
N VAL B 90 -2.36 5.09 -8.30
CA VAL B 90 -3.50 4.98 -9.19
C VAL B 90 -3.90 3.50 -9.26
N ARG B 91 -2.89 2.65 -9.27
CA ARG B 91 -3.06 1.22 -9.32
C ARG B 91 -3.83 0.74 -8.10
N GLN B 92 -3.23 0.92 -6.93
CA GLN B 92 -3.87 0.50 -5.69
C GLN B 92 -5.22 1.17 -5.49
N ALA B 93 -5.35 2.42 -5.86
CA ALA B 93 -6.64 3.07 -5.71
C ALA B 93 -7.67 2.21 -6.43
N THR B 94 -7.31 1.80 -7.65
CA THR B 94 -8.14 0.97 -8.53
C THR B 94 -8.56 -0.40 -7.98
N GLU B 95 -7.63 -1.18 -7.47
CA GLU B 95 -8.00 -2.48 -6.96
C GLU B 95 -8.74 -2.41 -5.63
N LEU B 96 -8.70 -1.23 -5.01
CA LEU B 96 -9.37 -1.05 -3.75
C LEU B 96 -10.84 -0.68 -3.93
N GLY B 97 -11.23 -0.37 -5.17
CA GLY B 97 -12.62 0.00 -5.39
C GLY B 97 -12.94 1.48 -5.49
N VAL B 98 -11.91 2.33 -5.41
CA VAL B 98 -12.10 3.77 -5.53
C VAL B 98 -12.78 4.05 -6.89
N LEU B 99 -13.86 4.82 -6.89
CA LEU B 99 -14.58 5.12 -8.13
C LEU B 99 -14.05 6.30 -8.91
N THR B 100 -13.66 7.35 -8.17
CA THR B 100 -13.16 8.55 -8.79
C THR B 100 -11.84 9.02 -8.25
N PHE B 101 -10.90 9.24 -9.15
CA PHE B 101 -9.57 9.68 -8.77
C PHE B 101 -9.35 11.10 -9.32
N VAL B 102 -9.09 12.04 -8.42
CA VAL B 102 -8.88 13.45 -8.80
C VAL B 102 -7.49 13.97 -8.39
N PRO B 103 -6.58 14.16 -9.37
CA PRO B 103 -5.24 14.65 -9.03
C PRO B 103 -5.32 16.10 -8.53
N ILE B 104 -4.62 16.39 -7.44
CA ILE B 104 -4.63 17.71 -6.81
C ILE B 104 -3.31 18.48 -6.88
N ILE B 105 -3.41 19.80 -7.02
CA ILE B 105 -2.22 20.66 -7.04
C ILE B 105 -2.16 21.39 -5.70
N SER B 106 -1.26 20.96 -4.83
CA SER B 106 -1.07 21.55 -3.50
C SER B 106 0.33 22.16 -3.36
N GLU B 107 0.49 23.02 -2.36
CA GLU B 107 1.74 23.71 -2.12
C GLU B 107 3.01 22.89 -2.23
N ARG B 108 3.04 21.75 -1.57
CA ARG B 108 4.25 20.93 -1.60
C ARG B 108 4.23 19.77 -2.62
N SER B 109 3.37 19.83 -3.62
CA SER B 109 3.29 18.75 -4.62
C SER B 109 3.78 19.13 -6.01
N PHE B 110 3.63 18.21 -6.96
CA PHE B 110 4.01 18.45 -8.34
C PHE B 110 3.19 19.68 -8.72
N GLN B 111 3.67 20.45 -9.69
CA GLN B 111 2.98 21.68 -10.07
C GLN B 111 2.55 21.79 -11.53
N LYS B 112 3.45 21.43 -12.44
CA LYS B 112 3.20 21.52 -13.87
C LYS B 112 1.93 20.81 -14.28
N GLU B 113 0.85 21.57 -14.43
CA GLU B 113 -0.42 21.01 -14.85
C GLU B 113 -0.24 20.29 -16.19
N GLU B 114 0.43 20.96 -17.13
CA GLU B 114 0.68 20.41 -18.46
C GLU B 114 1.19 18.97 -18.42
N ALA B 115 2.07 18.68 -17.46
CA ALA B 115 2.62 17.35 -17.32
C ALA B 115 1.53 16.42 -16.77
N ILE B 116 0.85 16.88 -15.71
CA ILE B 116 -0.21 16.10 -15.08
C ILE B 116 -1.28 15.65 -16.08
N LEU B 117 -1.63 16.52 -17.02
CA LEU B 117 -2.63 16.14 -18.01
C LEU B 117 -2.07 15.08 -18.94
N LYS B 118 -0.77 15.13 -19.21
CA LYS B 118 -0.17 14.14 -20.11
C LYS B 118 0.06 12.79 -19.47
N LYS B 119 0.67 12.76 -18.29
CA LYS B 119 0.95 11.49 -17.61
C LYS B 119 -0.35 10.83 -17.21
N THR B 120 -1.46 11.54 -17.43
CA THR B 120 -2.80 11.02 -17.10
C THR B 120 -3.16 9.84 -18.01
N GLU B 121 -2.84 9.94 -19.30
CA GLU B 121 -3.13 8.88 -20.24
C GLU B 121 -2.45 7.61 -19.76
N LYS B 122 -1.22 7.75 -19.29
CA LYS B 122 -0.48 6.59 -18.81
C LYS B 122 -1.23 5.97 -17.66
N TRP B 123 -1.80 6.82 -16.81
CA TRP B 123 -2.56 6.36 -15.66
C TRP B 123 -3.83 5.61 -16.05
N LYS B 124 -4.54 6.13 -17.04
CA LYS B 124 -5.76 5.51 -17.50
C LYS B 124 -5.49 4.07 -17.94
N ARG B 125 -4.29 3.82 -18.43
CA ARG B 125 -3.87 2.50 -18.87
C ARG B 125 -3.35 1.66 -17.71
N ILE B 126 -2.94 2.32 -16.63
CA ILE B 126 -2.47 1.57 -15.48
C ILE B 126 -3.74 1.01 -14.81
N VAL B 127 -4.84 1.74 -14.97
CA VAL B 127 -6.11 1.33 -14.42
C VAL B 127 -6.60 0.03 -15.07
N ILE B 128 -6.57 -0.05 -16.40
CA ILE B 128 -7.01 -1.25 -17.13
C ILE B 128 -6.23 -2.50 -16.69
N GLU B 129 -4.93 -2.39 -16.51
CA GLU B 129 -4.20 -3.58 -16.08
C GLU B 129 -4.62 -3.93 -14.65
N ALA B 130 -4.97 -2.90 -13.88
CA ALA B 130 -5.39 -3.06 -12.50
C ALA B 130 -6.80 -3.63 -12.42
N MET B 131 -7.64 -3.30 -13.40
CA MET B 131 -9.00 -3.83 -13.44
C MET B 131 -8.89 -5.34 -13.78
N LYS B 132 -8.09 -5.64 -14.80
CA LYS B 132 -7.90 -7.00 -15.25
C LYS B 132 -7.35 -7.90 -14.15
N GLN B 133 -6.37 -7.40 -13.42
CA GLN B 133 -5.76 -8.21 -12.39
C GLN B 133 -6.61 -8.35 -11.15
N SER B 134 -7.45 -7.35 -10.90
CA SER B 134 -8.32 -7.33 -9.73
C SER B 134 -9.74 -7.64 -10.13
N ARG B 135 -9.91 -8.41 -11.20
CA ARG B 135 -11.23 -8.77 -11.68
C ARG B 135 -12.19 -7.62 -11.46
N ARG B 136 -11.77 -6.40 -11.76
CA ARG B 136 -12.64 -5.25 -11.57
C ARG B 136 -13.17 -4.72 -12.90
N PRO B 137 -14.49 -4.87 -13.16
CA PRO B 137 -15.19 -4.44 -14.38
C PRO B 137 -15.60 -2.95 -14.45
N ILE B 138 -15.71 -2.33 -13.28
CA ILE B 138 -16.12 -0.92 -13.20
C ILE B 138 -14.85 -0.06 -13.29
N PRO B 139 -14.86 0.97 -14.15
CA PRO B 139 -13.74 1.89 -14.39
C PRO B 139 -13.52 3.01 -13.37
N MET B 140 -12.27 3.22 -12.97
CA MET B 140 -11.98 4.31 -12.05
C MET B 140 -11.81 5.55 -12.90
N GLU B 141 -12.58 6.60 -12.65
CA GLU B 141 -12.41 7.80 -13.46
C GLU B 141 -11.31 8.73 -12.91
N ILE B 142 -10.36 9.08 -13.78
CA ILE B 142 -9.28 10.00 -13.45
C ILE B 142 -9.74 11.36 -14.02
N LYS B 143 -9.94 12.35 -13.16
CA LYS B 143 -10.40 13.65 -13.66
C LYS B 143 -9.25 14.63 -13.90
N LYS B 144 -9.60 15.77 -14.50
CA LYS B 144 -8.65 16.83 -14.77
C LYS B 144 -8.19 17.30 -13.41
N PRO B 145 -6.97 17.85 -13.30
CA PRO B 145 -6.53 18.30 -11.99
C PRO B 145 -7.23 19.55 -11.46
N VAL B 146 -7.23 19.66 -10.13
CA VAL B 146 -7.81 20.79 -9.42
C VAL B 146 -6.90 21.05 -8.22
N ARG B 147 -6.90 22.27 -7.70
CA ARG B 147 -6.05 22.60 -6.55
C ARG B 147 -6.84 22.50 -5.25
N LEU B 148 -6.12 22.34 -4.14
CA LEU B 148 -6.77 22.25 -2.82
C LEU B 148 -7.84 23.30 -2.65
N SER B 149 -7.42 24.56 -2.77
CA SER B 149 -8.25 25.73 -2.62
C SER B 149 -9.66 25.56 -3.18
N ASP B 150 -9.77 24.85 -4.31
CA ASP B 150 -11.07 24.65 -4.94
C ASP B 150 -11.83 23.40 -4.49
N LEU B 151 -11.28 22.63 -3.56
CA LEU B 151 -11.96 21.43 -3.11
C LEU B 151 -13.24 21.71 -2.34
N ILE B 152 -14.20 20.80 -2.46
CA ILE B 152 -15.49 20.94 -1.80
C ILE B 152 -16.01 19.64 -1.22
N PRO B 153 -16.44 19.68 0.05
CA PRO B 153 -16.97 18.52 0.78
C PRO B 153 -18.31 18.03 0.20
N GLU B 154 -18.29 17.73 -1.09
CA GLU B 154 -19.46 17.26 -1.83
C GLU B 154 -20.04 15.93 -1.35
N SER B 155 -19.21 15.11 -0.72
CA SER B 155 -19.66 13.80 -0.22
C SER B 155 -20.20 13.83 1.20
N GLU B 156 -20.85 12.74 1.60
CA GLU B 156 -21.39 12.62 2.94
C GLU B 156 -20.24 12.86 3.91
N GLU B 157 -19.39 11.85 4.08
CA GLU B 157 -18.25 11.97 4.98
C GLU B 157 -17.09 12.53 4.16
N ASN B 158 -16.49 13.63 4.61
CA ASN B 158 -15.36 14.26 3.91
C ASN B 158 -14.13 14.29 4.81
N ILE B 159 -13.11 13.53 4.41
CA ILE B 159 -11.90 13.39 5.18
C ILE B 159 -10.65 13.99 4.58
N ILE B 160 -9.70 14.34 5.44
CA ILE B 160 -8.41 14.88 5.05
C ILE B 160 -7.36 14.20 5.91
N LEU B 161 -6.55 13.34 5.30
CA LEU B 161 -5.52 12.65 6.05
C LEU B 161 -4.33 13.55 6.31
N ASP B 162 -4.09 13.87 7.58
CA ASP B 162 -2.96 14.70 7.88
C ASP B 162 -2.22 14.23 9.11
N ASN B 163 -0.92 14.07 8.93
CA ASN B 163 -0.03 13.58 9.97
C ASN B 163 0.41 14.73 10.87
N PHE B 164 0.17 15.95 10.40
CA PHE B 164 0.59 17.13 11.14
C PHE B 164 -0.39 17.65 12.16
N TYR B 165 -1.64 17.19 12.08
CA TYR B 165 -2.69 17.61 12.99
C TYR B 165 -3.30 16.41 13.73
N GLU B 166 -3.56 16.59 15.01
CA GLU B 166 -4.15 15.53 15.83
C GLU B 166 -5.64 15.40 15.52
N GLY B 167 -5.93 14.93 14.31
CA GLY B 167 -7.31 14.75 13.89
C GLY B 167 -7.98 13.61 14.62
N VAL B 168 -9.13 13.15 14.11
CA VAL B 168 -9.87 12.06 14.75
C VAL B 168 -9.25 10.71 14.42
N LYS B 169 -9.59 9.69 15.21
CA LYS B 169 -9.09 8.33 14.99
C LYS B 169 -9.83 7.74 13.80
N PRO B 170 -9.19 6.84 13.05
CA PRO B 170 -9.89 6.26 11.91
C PRO B 170 -11.19 5.61 12.33
N LYS B 171 -11.14 4.88 13.44
CA LYS B 171 -12.31 4.15 13.96
C LYS B 171 -13.51 5.02 14.34
N ASP B 172 -13.30 6.34 14.50
CA ASP B 172 -14.37 7.25 14.86
C ASP B 172 -14.94 8.06 13.70
N VAL B 173 -14.62 7.66 12.47
CA VAL B 173 -15.18 8.37 11.31
C VAL B 173 -16.51 7.71 10.98
N ASN B 174 -17.30 8.35 10.13
CA ASN B 174 -18.59 7.81 9.76
C ASN B 174 -18.40 6.54 8.94
N LEU B 175 -17.88 5.50 9.57
CA LEU B 175 -17.64 4.24 8.90
C LEU B 175 -18.85 3.67 8.16
N GLU B 176 -19.98 4.35 8.20
CA GLU B 176 -21.12 3.86 7.45
C GLU B 176 -21.82 4.95 6.67
N ALA B 177 -21.00 5.74 5.98
CA ALA B 177 -21.53 6.79 5.12
C ALA B 177 -21.57 6.10 3.77
N LYS B 178 -22.40 6.58 2.87
CA LYS B 178 -22.48 5.95 1.57
C LYS B 178 -21.32 6.44 0.68
N THR B 179 -21.27 7.76 0.45
CA THR B 179 -20.21 8.33 -0.36
C THR B 179 -19.13 8.90 0.55
N TYR B 180 -17.93 9.02 0.01
CA TYR B 180 -16.78 9.54 0.75
C TYR B 180 -15.93 10.43 -0.14
N SER B 181 -15.06 11.21 0.50
CA SER B 181 -14.12 12.11 -0.18
C SER B 181 -12.81 12.11 0.62
N VAL B 182 -11.77 11.48 0.10
CA VAL B 182 -10.51 11.42 0.84
C VAL B 182 -9.44 12.31 0.22
N VAL B 183 -8.83 13.15 1.05
CA VAL B 183 -7.80 14.05 0.57
C VAL B 183 -6.44 13.68 1.16
N VAL B 184 -5.53 13.26 0.29
CA VAL B 184 -4.20 12.87 0.72
C VAL B 184 -3.15 13.85 0.21
N GLY B 185 -2.07 14.02 0.96
CA GLY B 185 -1.02 14.96 0.54
C GLY B 185 0.19 14.40 -0.19
N PRO B 186 1.04 15.28 -0.75
CA PRO B 186 2.24 14.86 -1.48
C PRO B 186 3.28 14.50 -0.44
N GLU B 187 4.49 14.18 -0.88
CA GLU B 187 5.55 13.80 0.03
C GLU B 187 5.75 14.71 1.25
N GLY B 188 5.74 16.03 1.04
CA GLY B 188 5.93 16.96 2.13
C GLY B 188 4.68 17.27 2.95
N GLY B 189 3.60 16.57 2.66
CA GLY B 189 2.36 16.77 3.40
C GLY B 189 1.63 18.06 3.06
N PHE B 190 0.71 18.43 3.95
CA PHE B 190 -0.09 19.66 3.81
C PHE B 190 0.45 20.71 4.80
N SER B 191 0.61 21.96 4.35
CA SER B 191 1.11 23.02 5.23
C SER B 191 -0.03 23.44 6.15
N LYS B 192 0.30 23.89 7.35
CA LYS B 192 -0.74 24.30 8.30
C LYS B 192 -1.79 25.15 7.61
N ARG B 193 -1.32 26.02 6.73
CA ARG B 193 -2.22 26.90 6.00
C ARG B 193 -3.29 26.13 5.20
N GLU B 194 -2.87 25.39 4.18
CA GLU B 194 -3.81 24.67 3.33
C GLU B 194 -4.75 23.76 4.07
N SER B 195 -4.22 22.95 4.98
CA SER B 195 -5.07 22.06 5.75
C SER B 195 -6.11 22.85 6.53
N GLN B 196 -5.66 23.89 7.23
CA GLN B 196 -6.56 24.70 8.01
C GLN B 196 -7.67 25.28 7.16
N ILE B 197 -7.43 25.44 5.86
CA ILE B 197 -8.44 25.96 4.94
C ILE B 197 -9.46 24.85 4.74
N LEU B 198 -8.95 23.65 4.45
CA LEU B 198 -9.79 22.47 4.21
C LEU B 198 -10.58 22.10 5.45
N ARG B 199 -9.93 22.17 6.60
CA ARG B 199 -10.62 21.86 7.85
C ARG B 199 -11.62 22.99 8.05
N GLU B 200 -11.20 24.19 7.66
CA GLU B 200 -12.01 25.39 7.73
C GLU B 200 -13.32 25.10 7.02
N LYS B 201 -13.26 24.24 6.02
CA LYS B 201 -14.47 23.84 5.29
C LYS B 201 -14.93 22.61 6.07
N GLY B 202 -15.78 21.77 5.50
CA GLY B 202 -16.22 20.60 6.23
C GLY B 202 -15.26 19.41 6.33
N PHE B 203 -14.04 19.55 5.82
CA PHE B 203 -13.11 18.43 5.86
C PHE B 203 -12.60 17.98 7.21
N LYS B 204 -13.00 16.76 7.59
CA LYS B 204 -12.61 16.14 8.85
C LYS B 204 -11.21 15.53 8.82
N SER B 205 -10.28 16.10 9.58
CA SER B 205 -8.92 15.60 9.61
C SER B 205 -8.81 14.30 10.39
N VAL B 206 -8.11 13.33 9.81
CA VAL B 206 -7.93 12.03 10.43
C VAL B 206 -6.46 11.75 10.63
N LEU B 207 -6.12 11.13 11.75
CA LEU B 207 -4.74 10.80 12.03
C LEU B 207 -4.59 9.27 12.09
N LEU B 208 -3.60 8.73 11.40
CA LEU B 208 -3.37 7.28 11.42
C LEU B 208 -2.33 6.93 12.47
N GLU B 209 -2.38 5.70 12.97
CA GLU B 209 -1.45 5.23 13.97
C GLU B 209 -0.56 4.14 13.39
N PRO B 210 0.68 4.05 13.88
CA PRO B 210 1.23 4.90 14.91
C PRO B 210 2.35 5.81 14.39
N TYR B 211 2.70 5.67 13.12
CA TYR B 211 3.78 6.47 12.57
C TYR B 211 3.38 7.19 11.31
N THR B 212 4.33 7.95 10.76
CA THR B 212 4.12 8.70 9.53
C THR B 212 4.34 7.76 8.34
N LEU B 213 3.37 7.69 7.44
CA LEU B 213 3.48 6.80 6.31
C LEU B 213 3.66 7.58 5.03
N ARG B 214 4.28 6.96 4.04
CA ARG B 214 4.46 7.60 2.76
C ARG B 214 3.06 7.67 2.16
N THR B 215 2.81 8.71 1.39
CA THR B 215 1.50 8.88 0.77
C THR B 215 0.83 7.60 0.28
N GLU B 216 1.53 6.84 -0.57
CA GLU B 216 0.93 5.62 -1.10
C GLU B 216 0.47 4.67 -0.01
N THR B 217 1.24 4.54 1.05
CA THR B 217 0.85 3.64 2.12
C THR B 217 -0.41 4.14 2.84
N ALA B 218 -0.53 5.47 2.98
CA ALA B 218 -1.66 6.08 3.66
C ALA B 218 -2.92 5.97 2.83
N VAL B 219 -2.77 6.14 1.52
CA VAL B 219 -3.93 6.01 0.64
C VAL B 219 -4.55 4.66 0.88
N VAL B 220 -3.71 3.62 0.82
CA VAL B 220 -4.18 2.27 1.04
C VAL B 220 -4.81 2.14 2.44
N SER B 221 -4.09 2.59 3.47
CA SER B 221 -4.60 2.49 4.84
C SER B 221 -5.98 3.10 5.08
N ILE B 222 -6.20 4.32 4.60
CA ILE B 222 -7.48 4.94 4.87
C ILE B 222 -8.59 4.28 4.11
N VAL B 223 -8.29 3.90 2.88
CA VAL B 223 -9.31 3.29 2.05
C VAL B 223 -9.51 1.82 2.35
N SER B 224 -8.47 1.14 2.82
CA SER B 224 -8.63 -0.27 3.14
C SER B 224 -9.62 -0.34 4.32
N ILE B 225 -9.52 0.63 5.23
CA ILE B 225 -10.39 0.69 6.40
C ILE B 225 -11.82 1.01 6.02
N LEU B 226 -12.01 2.02 5.17
CA LEU B 226 -13.34 2.43 4.76
C LEU B 226 -14.07 1.42 3.91
N MET B 227 -13.36 0.78 2.99
CA MET B 227 -14.00 -0.19 2.11
C MET B 227 -14.40 -1.47 2.84
N ASN B 228 -13.53 -1.97 3.73
CA ASN B 228 -13.82 -3.18 4.49
C ASN B 228 -14.70 -2.81 5.66
N PHE B 229 -15.28 -1.62 5.56
CA PHE B 229 -16.17 -1.09 6.58
C PHE B 229 -15.52 -1.12 7.97
N SAH C . -3.15 -14.98 -8.27
CA SAH C . -4.40 -14.93 -7.52
CB SAH C . -4.39 -13.68 -6.62
CG SAH C . -3.25 -13.75 -5.61
SD SAH C . -3.23 -12.29 -4.50
C SAH C . -5.58 -14.82 -8.49
O SAH C . -6.67 -14.44 -8.03
OXT SAH C . -5.36 -15.14 -9.68
C5' SAH C . -1.89 -12.75 -3.33
C4' SAH C . -2.32 -12.58 -1.88
O4' SAH C . -2.92 -11.30 -1.63
C3' SAH C . -3.45 -13.56 -1.54
O3' SAH C . -2.87 -14.86 -1.33
C2' SAH C . -3.88 -12.94 -0.22
O2' SAH C . -2.91 -13.20 0.81
C1' SAH C . -3.86 -11.44 -0.56
N9 SAH C . -5.16 -10.95 -1.06
C8 SAH C . -5.38 -10.41 -2.26
N7 SAH C . -6.65 -10.00 -2.34
C5 SAH C . -7.24 -10.28 -1.19
C6 SAH C . -8.53 -10.11 -0.70
N6 SAH C . -9.48 -9.56 -1.46
N1 SAH C . -8.81 -10.52 0.54
C2 SAH C . -7.88 -11.09 1.30
N3 SAH C . -6.66 -11.28 0.86
C4 SAH C . -6.30 -10.89 -0.37
N SAH D . 5.97 15.55 5.22
CA SAH D . 5.44 14.87 6.40
CB SAH D . 4.94 13.48 6.01
CG SAH D . 3.85 13.57 4.94
SD SAH D . 3.39 11.93 4.28
C SAH D . 6.55 14.73 7.44
O SAH D . 7.69 14.39 7.01
OXT SAH D . 6.26 14.96 8.64
C5' SAH D . 2.24 12.43 2.94
C4' SAH D . 0.78 12.31 3.34
O4' SAH D . 0.46 10.99 3.80
C3' SAH D . 0.40 13.20 4.52
O3' SAH D . 0.25 14.54 4.09
C2' SAH D . -0.98 12.59 4.77
O2' SAH D . -1.85 12.93 3.68
C1' SAH D . -0.65 11.10 4.71
N9 SAH D . -0.20 10.56 6.02
C8 SAH D . 0.98 9.99 6.25
N7 SAH D . 1.00 9.53 7.50
C5 SAH D . -0.16 9.82 8.06
C6 SAH D . -0.72 9.59 9.33
N6 SAH D . -0.04 8.92 10.25
N1 SAH D . -1.96 10.02 9.57
C2 SAH D . -2.66 10.65 8.65
N3 SAH D . -2.17 10.88 7.44
C4 SAH D . -0.93 10.48 7.12
#